data_8UHV
#
_entry.id   8UHV
#
_cell.length_a   60.238
_cell.length_b   67.281
_cell.length_c   164.390
_cell.angle_alpha   90.000
_cell.angle_beta   90.000
_cell.angle_gamma   90.000
#
_symmetry.space_group_name_H-M   'P 2 21 21'
#
loop_
_entity.id
_entity.type
_entity.pdbx_description
1 polymer 'Glycosyl transferase'
2 non-polymer GLYCEROL
3 non-polymer DI(HYDROXYETHYL)ETHER
4 water water
#
_entity_poly.entity_id   1
_entity_poly.type   'polypeptide(L)'
_entity_poly.pdbx_seq_one_letter_code
;GARDVQEGVSSFEESGGAQLPPRVHALEVLEGAGPGRLHGRLGIKPDGQPGYTRAPSPPTDLSMPQALARGGGFNLYLSD
HLELDRTAPDARHASCRQLHYDLSTLPKASVIIVFYNEPFSTLMRSVHSVLNGTPPQILEELILVDDGSTLPYIREDGNQ
QLVEYLKLLPAKVRLIRNEVRKGIVGARMKGIRASRAPIFAILDSHIEVSPQWLEPLLLRIKEDSRRVVMPQIDGIDAET
FKHIAGGIGCKLGFLWKLMEHSYEGHQTARLPPEERQPSPTDFQTSPAMAGGLFAANKAFFFDVGAYDEDFQFWGTENLE
LSFRLWQCGGVLECAPCSRVYHIFRKGGSGYSSPGDSITINKMRTMLWMDEYADLAWRVIGKPRVNYRPESLEKRREWRK
RKGCKSFRWFMENVFPEGDVVTLDDVPYLGPLRNDKIGMCLDNMGWASPGHAVGLEYCHGGDTQTFMFFRKVGHVMPVND
DEACLQPSGRLDWCRGTAQFWWDFTSSGQLMFRETKQCLSAFGRKLRMVECDDTDPYQIWSWTAYNPPDTFTFPSVSRSI
RSG
;
_entity_poly.pdbx_strand_id   A
#
loop_
_chem_comp.id
_chem_comp.type
_chem_comp.name
_chem_comp.formula
GOL non-polymer GLYCEROL 'C3 H8 O3'
PEG non-polymer DI(HYDROXYETHYL)ETHER 'C4 H10 O3'
#
# COMPACT_ATOMS: atom_id res chain seq x y z
N GLU A 28 29.94 19.38 10.73
CA GLU A 28 30.57 18.39 11.60
C GLU A 28 30.22 16.97 11.16
N VAL A 29 30.89 15.99 11.77
CA VAL A 29 30.69 14.58 11.45
C VAL A 29 29.93 13.86 12.58
N LEU A 30 30.48 13.90 13.79
CA LEU A 30 29.85 13.32 14.97
C LEU A 30 30.18 14.20 16.16
N GLU A 31 29.39 14.06 17.23
CA GLU A 31 29.55 14.95 18.37
C GLU A 31 29.06 14.35 19.70
N GLY A 32 29.82 13.40 20.24
CA GLY A 32 29.49 12.82 21.52
C GLY A 32 28.46 11.70 21.43
N ALA A 33 28.86 10.58 20.84
CA ALA A 33 27.94 9.50 20.51
C ALA A 33 27.57 8.70 21.76
N GLY A 34 26.86 7.59 21.55
CA GLY A 34 26.42 6.74 22.62
C GLY A 34 25.16 5.98 22.24
N PRO A 35 24.84 4.92 22.97
CA PRO A 35 23.61 4.17 22.69
C PRO A 35 22.39 5.07 22.82
N GLY A 36 21.41 4.84 21.95
CA GLY A 36 20.25 5.70 21.86
C GLY A 36 20.52 7.04 21.20
N ARG A 37 21.77 7.36 20.89
CA ARG A 37 22.15 8.58 20.20
C ARG A 37 23.42 8.28 19.41
N LEU A 38 23.31 7.37 18.45
CA LEU A 38 24.49 6.82 17.79
C LEU A 38 25.28 7.87 17.02
N HIS A 39 24.66 8.98 16.63
CA HIS A 39 25.34 10.03 15.89
C HIS A 39 25.69 11.24 16.76
N GLY A 40 25.54 11.13 18.07
CA GLY A 40 25.84 12.21 18.98
C GLY A 40 24.59 12.98 19.38
N ARG A 41 24.81 14.01 20.19
CA ARG A 41 23.73 14.87 20.65
C ARG A 41 23.28 15.76 19.50
N LEU A 42 22.07 15.50 19.00
CA LEU A 42 21.59 16.14 17.78
C LEU A 42 20.85 17.43 18.10
N GLY A 43 21.06 18.44 17.25
CA GLY A 43 20.27 19.65 17.31
C GLY A 43 20.56 20.56 18.48
N ILE A 44 21.83 20.72 18.86
CA ILE A 44 22.23 21.60 19.94
C ILE A 44 22.99 22.78 19.34
N LYS A 45 22.80 23.96 19.93
CA LYS A 45 23.48 25.16 19.47
C LYS A 45 24.91 25.17 20.01
N PRO A 46 25.72 26.16 19.62
CA PRO A 46 27.06 26.27 20.20
C PRO A 46 27.04 26.95 21.57
N ASP A 47 25.89 26.97 22.23
CA ASP A 47 25.77 27.53 23.57
C ASP A 47 25.26 26.53 24.59
N GLY A 48 25.00 25.28 24.18
CA GLY A 48 24.54 24.25 25.08
C GLY A 48 23.04 24.08 25.16
N GLN A 49 22.27 24.86 24.41
CA GLN A 49 20.81 24.81 24.48
C GLN A 49 20.22 24.26 23.19
N PRO A 50 19.16 23.45 23.27
CA PRO A 50 18.52 22.96 22.05
C PRO A 50 18.19 24.09 21.09
N GLY A 51 18.48 23.86 19.81
CA GLY A 51 18.10 24.76 18.75
C GLY A 51 16.65 24.71 18.37
N TYR A 52 15.83 23.98 19.12
CA TYR A 52 14.41 23.82 18.85
C TYR A 52 13.66 24.01 20.16
N THR A 53 12.65 24.87 20.15
CA THR A 53 11.86 25.17 21.34
C THR A 53 10.59 24.33 21.31
N ARG A 54 10.51 23.33 22.18
CA ARG A 54 9.28 22.55 22.31
C ARG A 54 8.13 23.46 22.71
N ALA A 55 6.94 23.05 22.36
CA ALA A 55 5.74 23.82 22.64
C ALA A 55 5.10 23.36 23.94
N PRO A 56 4.28 24.21 24.56
CA PRO A 56 3.57 23.79 25.77
C PRO A 56 2.73 22.55 25.51
N SER A 57 2.15 22.02 26.58
CA SER A 57 1.23 20.92 26.42
C SER A 57 0.00 21.41 25.66
N PRO A 58 -0.57 20.60 24.78
CA PRO A 58 -1.71 21.07 23.97
C PRO A 58 -2.81 21.61 24.86
N PRO A 59 -3.55 22.61 24.38
CA PRO A 59 -4.64 23.17 25.20
C PRO A 59 -5.64 22.10 25.59
N THR A 60 -6.26 22.31 26.76
CA THR A 60 -7.27 21.36 27.22
C THR A 60 -8.54 21.46 26.40
N ASP A 61 -8.85 22.63 25.85
CA ASP A 61 -10.02 22.82 24.99
C ASP A 61 -9.61 22.66 23.53
N LEU A 62 -9.29 21.42 23.18
CA LEU A 62 -8.74 21.09 21.86
C LEU A 62 -9.75 20.23 21.12
N SER A 63 -10.33 20.79 20.06
CA SER A 63 -11.23 20.05 19.19
C SER A 63 -10.39 19.12 18.31
N MET A 64 -10.40 17.83 18.63
CA MET A 64 -9.53 16.89 17.92
C MET A 64 -9.73 16.94 16.41
N PRO A 65 -10.96 17.03 15.88
CA PRO A 65 -11.11 17.07 14.41
C PRO A 65 -10.43 18.27 13.78
N GLN A 66 -10.49 19.43 14.44
CA GLN A 66 -9.87 20.63 13.88
C GLN A 66 -8.36 20.60 14.02
N ALA A 67 -7.84 20.01 15.10
CA ALA A 67 -6.40 19.92 15.26
C ALA A 67 -5.79 18.87 14.33
N LEU A 68 -6.54 17.79 14.05
CA LEU A 68 -6.07 16.83 13.06
C LEU A 68 -5.89 17.48 11.71
N ALA A 69 -6.75 18.43 11.37
CA ALA A 69 -6.61 19.16 10.11
C ALA A 69 -5.35 20.01 10.11
N ARG A 70 -5.23 20.89 11.12
CA ARG A 70 -4.07 21.75 11.26
C ARG A 70 -2.78 21.00 10.98
N GLY A 71 -2.68 19.75 11.42
CA GLY A 71 -1.49 18.95 11.26
C GLY A 71 -1.43 18.11 10.00
N GLY A 72 -2.42 18.20 9.14
CA GLY A 72 -2.43 17.41 7.92
C GLY A 72 -2.67 15.94 8.16
N GLY A 73 -3.47 15.60 9.16
CA GLY A 73 -3.80 14.21 9.44
C GLY A 73 -3.36 13.70 10.81
N PHE A 74 -2.74 14.53 11.65
CA PHE A 74 -2.35 14.10 12.98
C PHE A 74 -2.37 15.31 13.91
N ASN A 75 -2.38 15.02 15.21
CA ASN A 75 -2.45 16.05 16.25
C ASN A 75 -1.14 16.84 16.24
N LEU A 76 -1.17 18.04 15.65
CA LEU A 76 0.04 18.84 15.56
C LEU A 76 0.40 19.47 16.91
N TYR A 77 -0.61 19.93 17.66
CA TYR A 77 -0.34 20.48 18.98
C TYR A 77 0.47 19.50 19.81
N LEU A 78 0.12 18.21 19.74
CA LEU A 78 0.84 17.21 20.53
C LEU A 78 2.23 16.96 19.96
N SER A 79 2.33 16.82 18.64
CA SER A 79 3.64 16.63 18.01
C SER A 79 4.61 17.72 18.43
N ASP A 80 4.15 18.97 18.47
CA ASP A 80 5.02 20.08 18.84
C ASP A 80 5.37 20.09 20.32
N HIS A 81 4.67 19.31 21.13
CA HIS A 81 4.98 19.20 22.55
C HIS A 81 5.91 18.05 22.87
N LEU A 82 6.07 17.11 21.94
CA LEU A 82 6.93 15.96 22.14
C LEU A 82 8.36 16.27 21.72
N GLU A 83 9.31 15.68 22.44
CA GLU A 83 10.72 15.86 22.11
C GLU A 83 11.03 15.25 20.74
N LEU A 84 12.05 15.80 20.09
CA LEU A 84 12.54 15.20 18.85
C LEU A 84 13.32 13.93 19.15
N ASP A 85 14.01 13.87 20.28
CA ASP A 85 14.66 12.65 20.75
C ASP A 85 13.68 11.71 21.45
N ARG A 86 12.51 11.52 20.86
CA ARG A 86 11.47 10.69 21.47
C ARG A 86 11.87 9.23 21.43
N THR A 87 11.91 8.59 22.59
CA THR A 87 12.26 7.18 22.68
C THR A 87 11.00 6.33 22.49
N ALA A 88 11.09 5.36 21.60
CA ALA A 88 9.99 4.48 21.27
C ALA A 88 10.19 3.11 21.90
N PRO A 89 9.13 2.30 21.95
CA PRO A 89 9.30 0.91 22.38
C PRO A 89 9.89 0.05 21.27
N ASP A 90 10.62 -0.99 21.69
CA ASP A 90 11.24 -1.92 20.76
C ASP A 90 10.18 -2.90 20.26
N ALA A 91 9.68 -2.66 19.05
CA ALA A 91 8.61 -3.49 18.49
C ALA A 91 9.10 -4.83 17.99
N ARG A 92 10.41 -5.08 18.00
CA ARG A 92 10.95 -6.31 17.43
C ARG A 92 10.61 -7.51 18.31
N HIS A 93 10.22 -8.60 17.66
CA HIS A 93 10.07 -9.88 18.36
C HIS A 93 11.34 -10.18 19.14
N ALA A 94 11.19 -10.92 20.24
CA ALA A 94 12.33 -11.20 21.11
C ALA A 94 13.47 -11.83 20.32
N SER A 95 13.17 -12.83 19.51
CA SER A 95 14.20 -13.56 18.77
C SER A 95 14.92 -12.72 17.74
N CYS A 96 14.57 -11.45 17.57
CA CYS A 96 15.32 -10.58 16.67
C CYS A 96 16.57 -10.00 17.33
N ARG A 97 16.58 -9.90 18.66
CA ARG A 97 17.72 -9.34 19.37
C ARG A 97 18.87 -10.32 19.52
N GLN A 98 18.61 -11.63 19.43
CA GLN A 98 19.66 -12.62 19.48
C GLN A 98 20.46 -12.68 18.19
N LEU A 99 20.11 -11.89 17.18
CA LEU A 99 20.91 -11.76 15.97
C LEU A 99 21.99 -10.71 16.17
N HIS A 100 23.14 -10.94 15.54
CA HIS A 100 24.27 -10.04 15.65
C HIS A 100 24.78 -9.73 14.26
N TYR A 101 25.15 -8.47 14.04
CA TYR A 101 25.60 -7.98 12.74
C TYR A 101 26.99 -7.42 12.89
N ASP A 102 27.89 -7.82 12.00
CA ASP A 102 29.25 -7.27 11.94
C ASP A 102 29.20 -6.01 11.08
N LEU A 103 29.14 -4.86 11.74
CA LEU A 103 28.91 -3.60 11.02
C LEU A 103 30.01 -3.28 10.03
N SER A 104 31.21 -3.83 10.20
CA SER A 104 32.29 -3.55 9.26
C SER A 104 32.07 -4.28 7.94
N THR A 105 31.55 -5.50 8.00
CA THR A 105 31.29 -6.29 6.80
C THR A 105 29.92 -6.01 6.20
N LEU A 106 29.35 -4.83 6.45
CA LEU A 106 28.10 -4.41 5.85
C LEU A 106 28.32 -3.19 4.97
N PRO A 107 27.55 -3.04 3.89
CA PRO A 107 27.72 -1.87 3.02
C PRO A 107 26.86 -0.69 3.46
N LYS A 108 27.45 0.49 3.40
CA LYS A 108 26.73 1.70 3.78
C LYS A 108 25.51 1.89 2.89
N ALA A 109 24.55 2.66 3.40
CA ALA A 109 23.30 2.90 2.69
C ALA A 109 22.90 4.36 2.85
N SER A 110 22.14 4.85 1.89
CA SER A 110 21.69 6.24 1.85
C SER A 110 20.19 6.27 2.11
N VAL A 111 19.79 6.87 3.23
CA VAL A 111 18.38 6.99 3.59
C VAL A 111 17.81 8.23 2.92
N ILE A 112 16.67 8.07 2.26
CA ILE A 112 16.04 9.13 1.49
C ILE A 112 14.66 9.38 2.09
N ILE A 113 14.45 10.60 2.57
CA ILE A 113 13.18 11.02 3.15
C ILE A 113 12.63 12.14 2.29
N VAL A 114 11.65 11.83 1.45
CA VAL A 114 10.92 12.85 0.71
C VAL A 114 9.87 13.45 1.61
N PHE A 115 9.56 14.74 1.41
CA PHE A 115 8.57 15.41 2.24
C PHE A 115 8.02 16.61 1.49
N TYR A 116 6.76 16.94 1.81
CA TYR A 116 6.11 18.13 1.28
C TYR A 116 5.29 18.75 2.39
N ASN A 117 5.67 19.95 2.83
CA ASN A 117 4.93 20.67 3.86
C ASN A 117 4.76 19.84 5.13
N GLU A 118 5.69 18.94 5.39
CA GLU A 118 5.67 18.21 6.65
C GLU A 118 6.08 19.15 7.77
N PRO A 119 5.35 19.20 8.89
CA PRO A 119 5.72 20.12 9.96
C PRO A 119 7.12 19.84 10.49
N PHE A 120 7.69 20.88 11.13
CA PHE A 120 9.06 20.79 11.61
C PHE A 120 9.22 19.68 12.64
N SER A 121 8.25 19.54 13.55
CA SER A 121 8.42 18.61 14.66
C SER A 121 8.46 17.17 14.20
N THR A 122 7.61 16.80 13.24
CA THR A 122 7.60 15.42 12.77
C THR A 122 8.74 15.14 11.81
N LEU A 123 9.14 16.12 11.00
CA LEU A 123 10.27 15.91 10.09
C LEU A 123 11.56 15.74 10.86
N MET A 124 11.84 16.68 11.79
CA MET A 124 13.08 16.60 12.55
C MET A 124 13.08 15.41 13.51
N ARG A 125 11.91 14.99 13.99
CA ARG A 125 11.86 13.79 14.81
C ARG A 125 12.18 12.55 13.98
N SER A 126 11.82 12.56 12.69
CA SER A 126 12.22 11.47 11.81
C SER A 126 13.73 11.44 11.62
N VAL A 127 14.32 12.61 11.34
CA VAL A 127 15.77 12.70 11.21
C VAL A 127 16.46 12.24 12.49
N HIS A 128 16.03 12.81 13.63
CA HIS A 128 16.61 12.42 14.92
C HIS A 128 16.52 10.91 15.14
N SER A 129 15.33 10.35 14.90
CA SER A 129 15.14 8.92 15.11
C SER A 129 16.12 8.09 14.28
N VAL A 130 16.31 8.48 13.01
CA VAL A 130 17.23 7.75 12.15
C VAL A 130 18.66 7.89 12.67
N LEU A 131 19.11 9.12 12.91
CA LEU A 131 20.49 9.33 13.32
C LEU A 131 20.78 8.69 14.66
N ASN A 132 19.81 8.69 15.57
CA ASN A 132 20.00 8.09 16.89
C ASN A 132 19.85 6.58 16.88
N GLY A 133 19.31 6.00 15.81
CA GLY A 133 19.07 4.58 15.76
C GLY A 133 19.77 3.88 14.61
N THR A 134 20.75 4.55 14.00
CA THR A 134 21.51 3.98 12.89
C THR A 134 22.99 4.16 13.19
N PRO A 135 23.78 3.09 13.24
CA PRO A 135 25.23 3.27 13.40
C PRO A 135 25.80 4.10 12.27
N PRO A 136 26.55 5.17 12.58
CA PRO A 136 27.13 5.96 11.48
C PRO A 136 28.01 5.13 10.57
N GLN A 137 28.51 3.99 11.06
CA GLN A 137 29.37 3.14 10.24
C GLN A 137 28.66 2.65 8.99
N ILE A 138 27.34 2.44 9.06
CA ILE A 138 26.58 1.90 7.94
C ILE A 138 25.68 2.94 7.30
N LEU A 139 25.59 4.15 7.85
CA LEU A 139 24.77 5.22 7.28
C LEU A 139 25.66 6.15 6.48
N GLU A 140 25.48 6.15 5.16
CA GLU A 140 26.25 7.04 4.30
C GLU A 140 25.75 8.47 4.39
N GLU A 141 24.43 8.66 4.38
CA GLU A 141 23.86 10.00 4.33
C GLU A 141 22.36 9.89 4.58
N LEU A 142 21.77 11.02 4.95
CA LEU A 142 20.33 11.17 5.11
C LEU A 142 19.89 12.28 4.17
N ILE A 143 19.23 11.90 3.07
CA ILE A 143 18.85 12.85 2.04
C ILE A 143 17.43 13.35 2.32
N LEU A 144 17.30 14.66 2.48
CA LEU A 144 16.00 15.30 2.65
C LEU A 144 15.60 15.95 1.33
N VAL A 145 14.48 15.52 0.77
CA VAL A 145 14.03 15.96 -0.54
C VAL A 145 12.80 16.84 -0.35
N ASP A 146 12.99 18.14 -0.49
CA ASP A 146 11.89 19.10 -0.48
C ASP A 146 11.20 19.08 -1.82
N ASP A 147 9.98 18.55 -1.86
CA ASP A 147 9.22 18.44 -3.11
C ASP A 147 8.36 19.70 -3.33
N GLY A 148 9.04 20.83 -3.36
CA GLY A 148 8.39 22.10 -3.65
C GLY A 148 7.47 22.59 -2.56
N SER A 149 7.96 22.59 -1.33
CA SER A 149 7.12 22.99 -0.20
C SER A 149 6.85 24.49 -0.23
N THR A 150 5.74 24.88 0.38
CA THR A 150 5.35 26.28 0.45
C THR A 150 5.32 26.82 1.88
N LEU A 151 5.69 26.02 2.88
CA LEU A 151 5.63 26.49 4.25
C LEU A 151 6.76 27.49 4.51
N PRO A 152 6.49 28.54 5.30
CA PRO A 152 7.52 29.56 5.52
C PRO A 152 8.83 29.04 6.09
N TYR A 153 8.80 27.94 6.83
CA TYR A 153 10.00 27.48 7.51
C TYR A 153 10.87 26.57 6.63
N ILE A 154 10.36 26.10 5.50
CA ILE A 154 11.13 25.26 4.58
C ILE A 154 11.74 26.08 3.46
N ARG A 155 10.96 26.98 2.87
CA ARG A 155 11.36 27.64 1.63
C ARG A 155 12.71 28.32 1.78
N GLU A 156 13.41 28.45 0.65
CA GLU A 156 14.61 29.28 0.61
C GLU A 156 14.27 30.73 0.88
N ASP A 157 13.15 31.21 0.33
CA ASP A 157 12.69 32.57 0.53
C ASP A 157 11.83 32.71 1.80
N GLY A 158 12.04 31.85 2.78
CA GLY A 158 11.29 31.92 4.02
C GLY A 158 12.11 32.44 5.19
N ASN A 159 11.90 31.87 6.36
CA ASN A 159 12.62 32.29 7.57
C ASN A 159 13.83 31.40 7.86
N GLN A 160 14.09 30.41 7.03
CA GLN A 160 15.31 29.60 7.10
C GLN A 160 15.37 28.72 8.35
N GLN A 161 14.23 28.39 8.96
CA GLN A 161 14.24 27.59 10.17
C GLN A 161 14.87 26.22 9.91
N LEU A 162 14.32 25.48 8.96
CA LEU A 162 14.87 24.17 8.63
C LEU A 162 16.35 24.27 8.25
N VAL A 163 16.67 25.19 7.33
CA VAL A 163 18.03 25.26 6.81
C VAL A 163 19.01 25.56 7.93
N GLU A 164 18.67 26.51 8.81
CA GLU A 164 19.57 26.86 9.90
C GLU A 164 19.62 25.78 10.97
N TYR A 165 18.55 25.01 11.13
CA TYR A 165 18.56 23.93 12.11
C TYR A 165 19.38 22.73 11.64
N LEU A 166 19.47 22.53 10.32
CA LEU A 166 20.27 21.42 9.82
C LEU A 166 21.75 21.61 10.11
N LYS A 167 22.21 22.86 10.19
CA LYS A 167 23.59 23.11 10.57
C LYS A 167 23.92 22.53 11.94
N LEU A 168 22.92 22.28 12.77
CA LEU A 168 23.11 21.68 14.08
C LEU A 168 23.15 20.16 14.04
N LEU A 169 22.97 19.56 12.87
CA LEU A 169 22.98 18.12 12.69
C LEU A 169 24.24 17.68 11.96
N PRO A 170 24.56 16.37 11.99
CA PRO A 170 25.73 15.89 11.26
C PRO A 170 25.70 16.32 9.80
N ALA A 171 26.90 16.44 9.21
CA ALA A 171 27.00 16.91 7.83
C ALA A 171 26.48 15.90 6.83
N LYS A 172 26.40 14.62 7.20
CA LYS A 172 25.86 13.62 6.28
C LYS A 172 24.38 13.82 6.03
N VAL A 173 23.75 14.76 6.71
CA VAL A 173 22.37 15.15 6.41
C VAL A 173 22.41 16.19 5.31
N ARG A 174 21.78 15.89 4.18
CA ARG A 174 21.74 16.79 3.04
C ARG A 174 20.30 17.13 2.69
N LEU A 175 20.11 18.35 2.21
CA LEU A 175 18.81 18.80 1.71
C LEU A 175 18.93 19.19 0.25
N ILE A 176 17.95 18.74 -0.56
CA ILE A 176 17.82 19.14 -1.94
C ILE A 176 16.37 19.48 -2.19
N ARG A 177 16.13 20.29 -3.23
CA ARG A 177 14.82 20.86 -3.48
C ARG A 177 14.31 20.53 -4.87
N ASN A 178 13.00 20.68 -5.04
CA ASN A 178 12.34 20.65 -6.33
C ASN A 178 11.60 21.97 -6.52
N GLU A 179 11.89 22.66 -7.62
CA GLU A 179 11.23 23.93 -7.89
C GLU A 179 9.71 23.79 -7.78
N VAL A 180 9.16 22.73 -8.39
CA VAL A 180 7.73 22.47 -8.38
C VAL A 180 7.50 21.09 -7.78
N ARG A 181 6.38 20.92 -7.10
CA ARG A 181 6.03 19.62 -6.53
C ARG A 181 5.83 18.60 -7.65
N LYS A 182 6.53 17.48 -7.55
CA LYS A 182 6.51 16.46 -8.59
C LYS A 182 5.75 15.21 -8.20
N GLY A 183 5.38 15.06 -6.94
CA GLY A 183 4.78 13.83 -6.46
C GLY A 183 5.80 12.93 -5.80
N ILE A 184 5.33 11.74 -5.45
N ILE A 184 5.35 11.73 -5.46
CA ILE A 184 6.18 10.76 -4.77
CA ILE A 184 6.23 10.80 -4.77
C ILE A 184 7.21 10.20 -5.76
C ILE A 184 7.22 10.17 -5.75
N VAL A 185 6.74 9.65 -6.88
CA VAL A 185 7.66 9.09 -7.87
C VAL A 185 8.70 10.13 -8.25
N GLY A 186 8.28 11.38 -8.46
CA GLY A 186 9.23 12.41 -8.85
C GLY A 186 10.20 12.76 -7.75
N ALA A 187 9.72 12.86 -6.51
CA ALA A 187 10.60 13.22 -5.42
C ALA A 187 11.52 12.07 -5.02
N ARG A 188 10.98 10.84 -4.97
CA ARG A 188 11.82 9.70 -4.63
C ARG A 188 12.98 9.57 -5.60
N MET A 189 12.71 9.72 -6.90
CA MET A 189 13.78 9.60 -7.89
C MET A 189 14.85 10.66 -7.68
N LYS A 190 14.45 11.89 -7.37
CA LYS A 190 15.41 12.96 -7.15
C LYS A 190 16.46 12.56 -6.12
N GLY A 191 16.00 11.97 -5.01
CA GLY A 191 16.95 11.56 -3.98
C GLY A 191 17.74 10.32 -4.36
N ILE A 192 17.08 9.35 -5.01
CA ILE A 192 17.79 8.15 -5.43
C ILE A 192 18.93 8.51 -6.37
N ARG A 193 18.64 9.30 -7.40
CA ARG A 193 19.69 9.71 -8.33
C ARG A 193 20.79 10.48 -7.63
N ALA A 194 20.48 11.13 -6.50
CA ALA A 194 21.45 11.93 -5.78
C ALA A 194 22.24 11.12 -4.75
N SER A 195 21.75 9.94 -4.38
CA SER A 195 22.39 9.15 -3.34
C SER A 195 23.76 8.66 -3.81
N ARG A 196 24.51 8.09 -2.86
CA ARG A 196 25.89 7.68 -3.13
C ARG A 196 26.12 6.22 -2.76
N ALA A 197 25.46 5.75 -1.70
CA ALA A 197 25.69 4.41 -1.23
C ALA A 197 25.19 3.39 -2.26
N PRO A 198 25.74 2.18 -2.26
CA PRO A 198 25.22 1.15 -3.16
C PRO A 198 23.75 0.83 -2.90
N ILE A 199 23.27 1.05 -1.68
CA ILE A 199 21.90 0.75 -1.29
C ILE A 199 21.24 2.03 -0.81
N PHE A 200 19.98 2.21 -1.16
CA PHE A 200 19.16 3.31 -0.66
C PHE A 200 17.97 2.73 0.10
N ALA A 201 17.54 3.46 1.12
CA ALA A 201 16.36 3.12 1.91
C ALA A 201 15.40 4.30 1.84
N ILE A 202 14.18 4.04 1.42
CA ILE A 202 13.14 5.06 1.34
C ILE A 202 12.32 5.03 2.62
N LEU A 203 12.14 6.19 3.24
CA LEU A 203 11.27 6.35 4.39
C LEU A 203 10.37 7.56 4.17
N ASP A 204 9.34 7.68 5.01
CA ASP A 204 8.42 8.81 4.96
C ASP A 204 8.87 9.87 5.96
N SER A 205 8.13 10.98 5.99
CA SER A 205 8.51 12.15 6.77
C SER A 205 7.92 12.15 8.17
N HIS A 206 7.16 11.11 8.55
CA HIS A 206 6.52 11.04 9.87
C HIS A 206 6.71 9.63 10.40
N ILE A 207 7.94 9.31 10.84
CA ILE A 207 8.31 7.95 11.22
C ILE A 207 9.18 7.97 12.46
N GLU A 208 9.21 6.81 13.13
CA GLU A 208 10.15 6.54 14.20
C GLU A 208 10.55 5.07 14.09
N VAL A 209 11.81 4.78 14.37
CA VAL A 209 12.38 3.48 14.09
C VAL A 209 12.47 2.65 15.37
N SER A 210 12.32 1.34 15.22
CA SER A 210 12.72 0.42 16.26
C SER A 210 14.21 0.15 16.14
N PRO A 211 14.84 -0.35 17.20
CA PRO A 211 16.29 -0.56 17.16
C PRO A 211 16.70 -1.53 16.06
N GLN A 212 17.91 -1.33 15.54
CA GLN A 212 18.51 -2.23 14.55
C GLN A 212 17.57 -2.45 13.37
N TRP A 213 17.11 -1.34 12.79
CA TRP A 213 16.15 -1.40 11.69
C TRP A 213 16.82 -1.53 10.34
N LEU A 214 17.99 -0.91 10.16
CA LEU A 214 18.68 -0.93 8.87
C LEU A 214 19.59 -2.14 8.73
N GLU A 215 20.22 -2.57 9.82
CA GLU A 215 21.11 -3.74 9.75
C GLU A 215 20.47 -4.93 9.07
N PRO A 216 19.23 -5.33 9.37
CA PRO A 216 18.67 -6.51 8.72
C PRO A 216 18.49 -6.34 7.22
N LEU A 217 18.25 -5.11 6.75
CA LEU A 217 18.04 -4.90 5.32
C LEU A 217 19.36 -5.01 4.57
N LEU A 218 20.41 -4.36 5.08
CA LEU A 218 21.71 -4.38 4.40
C LEU A 218 22.23 -5.80 4.28
N LEU A 219 22.16 -6.58 5.37
CA LEU A 219 22.64 -7.95 5.31
C LEU A 219 21.93 -8.74 4.23
N ARG A 220 20.64 -8.46 4.02
CA ARG A 220 19.86 -9.20 3.03
C ARG A 220 20.22 -8.78 1.61
N ILE A 221 20.29 -7.47 1.37
CA ILE A 221 20.64 -6.99 0.05
C ILE A 221 22.09 -7.28 -0.28
N LYS A 222 22.92 -7.59 0.72
CA LYS A 222 24.31 -7.92 0.45
C LYS A 222 24.42 -9.29 -0.21
N GLU A 223 23.65 -10.27 0.25
CA GLU A 223 23.76 -11.62 -0.27
C GLU A 223 23.19 -11.73 -1.69
N ASP A 224 22.25 -10.86 -2.05
CA ASP A 224 21.71 -10.86 -3.41
C ASP A 224 21.18 -9.47 -3.70
N SER A 225 21.71 -8.83 -4.75
CA SER A 225 21.33 -7.47 -5.09
C SER A 225 19.98 -7.38 -5.75
N ARG A 226 19.42 -8.49 -6.22
CA ARG A 226 18.10 -8.50 -6.84
C ARG A 226 16.98 -8.49 -5.80
N ARG A 227 17.31 -8.41 -4.52
CA ARG A 227 16.32 -8.43 -3.46
C ARG A 227 15.91 -7.01 -3.08
N VAL A 228 14.61 -6.75 -3.04
CA VAL A 228 14.05 -5.53 -2.50
C VAL A 228 13.37 -5.89 -1.19
N VAL A 229 13.83 -5.28 -0.10
CA VAL A 229 13.48 -5.71 1.25
C VAL A 229 12.66 -4.63 1.92
N MET A 230 11.50 -5.02 2.42
CA MET A 230 10.58 -4.12 3.10
C MET A 230 10.72 -4.26 4.61
N PRO A 231 10.91 -3.18 5.35
CA PRO A 231 10.71 -3.25 6.79
C PRO A 231 9.22 -3.32 7.11
N GLN A 232 8.90 -4.06 8.17
CA GLN A 232 7.51 -4.08 8.62
C GLN A 232 7.14 -2.73 9.24
N ILE A 233 5.84 -2.46 9.28
CA ILE A 233 5.32 -1.14 9.61
C ILE A 233 4.48 -1.22 10.87
N ASP A 234 4.89 -0.51 11.91
CA ASP A 234 4.06 -0.22 13.06
C ASP A 234 3.50 1.20 12.91
N GLY A 235 2.64 1.59 13.85
CA GLY A 235 1.89 2.83 13.71
C GLY A 235 2.05 3.74 14.91
N ILE A 236 1.77 5.02 14.65
CA ILE A 236 1.66 6.05 15.68
C ILE A 236 0.27 6.65 15.57
N ASP A 237 -0.51 6.55 16.64
CA ASP A 237 -1.88 7.03 16.61
C ASP A 237 -1.92 8.50 16.20
N ALA A 238 -2.91 8.85 15.37
CA ALA A 238 -2.99 10.20 14.85
C ALA A 238 -3.36 11.21 15.93
N GLU A 239 -4.17 10.79 16.91
CA GLU A 239 -4.71 11.72 17.88
C GLU A 239 -3.85 11.82 19.14
N THR A 240 -3.27 10.70 19.57
CA THR A 240 -2.55 10.64 20.82
C THR A 240 -1.06 10.35 20.67
N PHE A 241 -0.61 9.96 19.48
CA PHE A 241 0.78 9.59 19.20
C PHE A 241 1.23 8.34 19.94
N LYS A 242 0.29 7.57 20.51
N LYS A 242 0.29 7.58 20.53
CA LYS A 242 0.65 6.33 21.17
CA LYS A 242 0.64 6.33 21.16
C LYS A 242 1.22 5.36 20.15
C LYS A 242 1.25 5.38 20.13
N HIS A 243 2.31 4.69 20.52
CA HIS A 243 2.91 3.68 19.64
C HIS A 243 2.05 2.42 19.67
N ILE A 244 1.81 1.86 18.48
CA ILE A 244 0.93 0.71 18.34
C ILE A 244 1.54 -0.27 17.35
N ALA A 245 1.24 -1.55 17.56
CA ALA A 245 1.71 -2.58 16.64
C ALA A 245 0.92 -2.53 15.34
N GLY A 246 1.63 -2.67 14.22
CA GLY A 246 0.96 -2.67 12.94
C GLY A 246 -0.03 -3.81 12.80
N GLY A 247 0.37 -5.00 13.26
CA GLY A 247 -0.51 -6.16 13.17
C GLY A 247 -0.49 -6.84 11.82
N ILE A 248 -0.28 -6.05 10.76
CA ILE A 248 -0.24 -6.62 9.42
C ILE A 248 0.86 -7.66 9.32
N GLY A 249 0.59 -8.76 8.63
CA GLY A 249 1.60 -9.75 8.38
C GLY A 249 2.64 -9.27 7.40
N CYS A 250 3.41 -10.20 6.86
CA CYS A 250 4.44 -9.84 5.89
C CYS A 250 3.93 -9.87 4.45
N LYS A 251 3.02 -10.79 4.15
CA LYS A 251 2.60 -11.03 2.78
C LYS A 251 1.42 -10.13 2.42
N LEU A 252 1.58 -9.38 1.33
CA LEU A 252 0.54 -8.47 0.85
C LEU A 252 0.16 -8.89 -0.56
N GLY A 253 -1.10 -9.25 -0.75
CA GLY A 253 -1.67 -9.44 -2.06
C GLY A 253 -2.18 -8.11 -2.60
N PHE A 254 -3.14 -8.20 -3.51
CA PHE A 254 -3.73 -7.00 -4.07
C PHE A 254 -5.21 -7.26 -4.36
N LEU A 255 -5.98 -6.18 -4.37
CA LEU A 255 -7.38 -6.21 -4.74
C LEU A 255 -7.54 -5.65 -6.15
N TRP A 256 -8.54 -6.16 -6.85
CA TRP A 256 -8.75 -5.76 -8.24
C TRP A 256 -9.13 -4.29 -8.38
N LYS A 257 -9.36 -3.61 -7.27
CA LYS A 257 -9.37 -2.15 -7.27
C LYS A 257 -7.96 -1.57 -7.39
N LEU A 258 -6.95 -2.43 -7.54
CA LEU A 258 -5.55 -2.03 -7.64
C LEU A 258 -5.06 -1.36 -6.36
N MET A 259 -5.12 -2.11 -5.26
CA MET A 259 -4.63 -1.66 -3.97
C MET A 259 -3.94 -2.83 -3.28
N GLU A 260 -2.82 -2.55 -2.64
CA GLU A 260 -2.17 -3.57 -1.83
C GLU A 260 -3.13 -4.06 -0.76
N HIS A 261 -3.04 -5.35 -0.44
CA HIS A 261 -3.99 -5.96 0.48
C HIS A 261 -3.30 -7.10 1.23
N SER A 262 -3.35 -7.05 2.56
CA SER A 262 -2.71 -8.08 3.35
C SER A 262 -3.41 -9.42 3.17
N TYR A 263 -2.61 -10.49 3.11
CA TYR A 263 -3.16 -11.84 2.99
C TYR A 263 -4.28 -12.05 4.01
N GLU A 264 -5.43 -12.51 3.52
CA GLU A 264 -6.51 -12.89 4.42
C GLU A 264 -6.25 -14.30 4.95
N GLY A 265 -6.98 -14.65 6.02
CA GLY A 265 -6.76 -15.94 6.65
C GLY A 265 -6.91 -17.09 5.68
N HIS A 266 -7.95 -17.08 4.86
CA HIS A 266 -8.14 -18.14 3.88
C HIS A 266 -7.09 -18.10 2.79
N GLN A 267 -6.49 -16.94 2.53
CA GLN A 267 -5.40 -16.86 1.57
C GLN A 267 -4.11 -17.44 2.15
N THR A 268 -3.88 -17.20 3.45
CA THR A 268 -2.74 -17.82 4.11
C THR A 268 -2.89 -19.33 4.15
N ALA A 269 -4.12 -19.82 4.29
CA ALA A 269 -4.35 -21.26 4.32
C ALA A 269 -3.90 -21.94 3.04
N ARG A 270 -3.82 -21.20 1.94
CA ARG A 270 -3.40 -21.76 0.67
C ARG A 270 -1.89 -21.82 0.51
N LEU A 271 -1.13 -21.32 1.50
CA LEU A 271 0.31 -21.38 1.43
C LEU A 271 0.80 -22.81 1.68
N PRO A 272 1.99 -23.15 1.20
CA PRO A 272 2.58 -24.42 1.60
C PRO A 272 2.67 -24.52 3.10
N PRO A 273 2.53 -25.72 3.66
CA PRO A 273 2.52 -25.83 5.13
C PRO A 273 3.75 -25.22 5.77
N GLU A 274 4.92 -25.37 5.14
CA GLU A 274 6.16 -24.86 5.70
C GLU A 274 6.21 -23.34 5.74
N GLU A 275 5.17 -22.66 5.28
CA GLU A 275 5.20 -21.20 5.24
C GLU A 275 3.91 -20.57 5.73
N ARG A 276 2.97 -21.36 6.28
CA ARG A 276 1.76 -20.79 6.84
C ARG A 276 2.01 -20.09 8.17
N GLN A 277 3.16 -20.33 8.80
CA GLN A 277 3.49 -19.72 10.08
C GLN A 277 5.00 -19.78 10.30
N PRO A 278 5.77 -18.99 9.58
CA PRO A 278 7.23 -19.05 9.69
C PRO A 278 7.73 -18.27 10.90
N SER A 279 9.02 -18.47 11.20
CA SER A 279 9.64 -17.79 12.32
C SER A 279 9.65 -16.28 12.07
N PRO A 280 9.66 -15.46 13.12
CA PRO A 280 9.74 -14.02 12.93
C PRO A 280 11.10 -13.56 12.44
N THR A 281 12.12 -14.42 12.50
CA THR A 281 13.48 -14.03 12.18
C THR A 281 13.82 -14.20 10.71
N ASP A 282 13.09 -15.05 9.98
CA ASP A 282 13.39 -15.31 8.59
C ASP A 282 12.62 -14.36 7.68
N PHE A 283 13.20 -14.06 6.53
CA PHE A 283 12.56 -13.18 5.56
C PHE A 283 11.51 -13.95 4.77
N GLN A 284 10.47 -13.24 4.35
CA GLN A 284 9.36 -13.83 3.61
C GLN A 284 9.12 -13.04 2.33
N THR A 285 8.79 -13.75 1.26
CA THR A 285 8.42 -13.09 0.02
C THR A 285 7.03 -12.48 0.15
N SER A 286 6.81 -11.37 -0.53
CA SER A 286 5.51 -10.73 -0.59
C SER A 286 5.22 -10.36 -2.04
N PRO A 287 4.02 -10.67 -2.55
CA PRO A 287 3.71 -10.26 -3.93
C PRO A 287 3.67 -8.76 -4.12
N ALA A 288 3.30 -7.99 -3.09
CA ALA A 288 3.07 -6.55 -3.22
C ALA A 288 3.78 -5.80 -2.11
N MET A 289 3.99 -4.51 -2.36
CA MET A 289 4.62 -3.61 -1.41
C MET A 289 3.54 -2.80 -0.68
N ALA A 290 3.74 -2.62 0.63
CA ALA A 290 2.72 -1.97 1.44
C ALA A 290 2.63 -0.48 1.14
N GLY A 291 3.73 0.16 0.77
CA GLY A 291 3.72 1.58 0.48
C GLY A 291 4.89 1.98 -0.38
N GLY A 292 5.75 2.84 0.14
CA GLY A 292 6.98 3.21 -0.52
C GLY A 292 8.16 3.05 0.40
N LEU A 293 8.02 2.16 1.37
CA LEU A 293 8.98 1.98 2.46
C LEU A 293 9.77 0.69 2.18
N PHE A 294 11.01 0.84 1.71
CA PHE A 294 11.78 -0.31 1.31
C PHE A 294 13.23 0.09 1.11
N ALA A 295 14.07 -0.92 0.87
CA ALA A 295 15.47 -0.71 0.53
C ALA A 295 15.81 -1.50 -0.73
N ALA A 296 16.83 -1.05 -1.44
CA ALA A 296 17.19 -1.68 -2.71
C ALA A 296 18.58 -1.26 -3.13
N ASN A 297 19.35 -2.22 -3.66
CA ASN A 297 20.61 -1.89 -4.30
C ASN A 297 20.36 -0.94 -5.47
N LYS A 298 21.06 0.19 -5.46
CA LYS A 298 20.77 1.24 -6.43
C LYS A 298 20.92 0.75 -7.87
N ALA A 299 22.00 0.01 -8.14
CA ALA A 299 22.24 -0.46 -9.51
C ALA A 299 21.09 -1.34 -9.99
N PHE A 300 20.71 -2.33 -9.19
CA PHE A 300 19.60 -3.19 -9.59
C PHE A 300 18.30 -2.41 -9.72
N PHE A 301 18.11 -1.41 -8.87
CA PHE A 301 16.88 -0.62 -8.93
C PHE A 301 16.68 0.01 -10.30
N PHE A 302 17.75 0.56 -10.88
CA PHE A 302 17.64 1.15 -12.20
C PHE A 302 17.58 0.08 -13.28
N ASP A 303 18.32 -1.02 -13.11
CA ASP A 303 18.27 -2.09 -14.11
C ASP A 303 16.90 -2.73 -14.20
N VAL A 304 16.11 -2.67 -13.13
CA VAL A 304 14.80 -3.30 -13.09
C VAL A 304 13.69 -2.32 -13.41
N GLY A 305 14.02 -1.11 -13.87
CA GLY A 305 13.04 -0.14 -14.32
C GLY A 305 12.88 1.07 -13.42
N ALA A 306 13.43 1.04 -12.22
CA ALA A 306 13.30 2.18 -11.28
C ALA A 306 11.81 2.43 -11.08
N TYR A 307 11.36 3.69 -11.09
CA TYR A 307 9.95 4.04 -11.09
C TYR A 307 9.52 4.46 -12.49
N ASP A 308 8.22 4.34 -12.74
CA ASP A 308 7.63 4.87 -13.97
C ASP A 308 7.42 6.37 -13.78
N GLU A 309 8.39 7.16 -14.25
CA GLU A 309 8.40 8.59 -13.94
C GLU A 309 7.24 9.36 -14.59
N ASP A 310 6.43 8.71 -15.42
CA ASP A 310 5.23 9.36 -15.93
C ASP A 310 4.04 9.17 -15.01
N PHE A 311 4.19 8.40 -13.93
CA PHE A 311 3.18 8.37 -12.88
C PHE A 311 3.02 9.77 -12.31
N GLN A 312 1.77 10.21 -12.17
CA GLN A 312 1.48 11.59 -11.82
C GLN A 312 1.19 11.72 -10.34
N PHE A 313 1.87 12.66 -9.68
CA PHE A 313 1.73 12.91 -8.26
C PHE A 313 1.81 11.63 -7.44
N TRP A 314 0.72 11.22 -6.79
CA TRP A 314 0.76 10.10 -5.85
C TRP A 314 -0.31 9.09 -6.17
N GLY A 315 0.02 7.81 -6.02
CA GLY A 315 -0.96 6.75 -6.12
C GLY A 315 -0.56 5.58 -6.99
N THR A 316 -0.56 4.38 -6.41
CA THR A 316 -0.47 3.09 -7.10
C THR A 316 0.94 2.80 -7.64
N GLU A 317 1.90 3.71 -7.48
CA GLU A 317 3.25 3.41 -7.93
C GLU A 317 3.80 2.15 -7.26
N ASN A 318 3.31 1.83 -6.06
CA ASN A 318 3.84 0.68 -5.34
C ASN A 318 3.45 -0.64 -6.00
N LEU A 319 2.26 -0.70 -6.63
CA LEU A 319 1.88 -1.93 -7.31
C LEU A 319 2.63 -2.08 -8.63
N GLU A 320 2.74 -0.99 -9.40
CA GLU A 320 3.51 -1.05 -10.63
C GLU A 320 4.95 -1.46 -10.35
N LEU A 321 5.47 -1.09 -9.18
CA LEU A 321 6.82 -1.49 -8.82
C LEU A 321 6.87 -2.98 -8.46
N SER A 322 5.86 -3.47 -7.76
CA SER A 322 5.87 -4.87 -7.33
C SER A 322 5.69 -5.80 -8.53
N PHE A 323 4.71 -5.51 -9.39
CA PHE A 323 4.47 -6.35 -10.56
C PHE A 323 5.70 -6.38 -11.46
N ARG A 324 6.24 -5.21 -11.79
CA ARG A 324 7.40 -5.15 -12.68
C ARG A 324 8.62 -5.80 -12.03
N LEU A 325 8.81 -5.57 -10.73
CA LEU A 325 9.95 -6.16 -10.03
C LEU A 325 9.96 -7.67 -10.17
N TRP A 326 8.88 -8.33 -9.73
CA TRP A 326 8.82 -9.77 -9.80
C TRP A 326 8.95 -10.27 -11.23
N GLN A 327 8.34 -9.57 -12.18
CA GLN A 327 8.29 -10.06 -13.56
C GLN A 327 9.64 -9.96 -14.25
N CYS A 328 10.48 -9.01 -13.86
CA CYS A 328 11.71 -8.70 -14.59
C CYS A 328 12.95 -9.13 -13.82
N GLY A 329 12.87 -10.25 -13.12
CA GLY A 329 14.04 -10.84 -12.51
C GLY A 329 14.41 -10.32 -11.14
N GLY A 330 13.42 -9.86 -10.36
CA GLY A 330 13.66 -9.37 -9.02
C GLY A 330 12.86 -10.14 -7.99
N VAL A 331 13.02 -9.74 -6.73
CA VAL A 331 12.36 -10.39 -5.61
C VAL A 331 11.98 -9.33 -4.59
N LEU A 332 10.78 -9.48 -4.02
CA LEU A 332 10.26 -8.58 -3.00
C LEU A 332 10.10 -9.35 -1.70
N GLU A 333 10.75 -8.87 -0.64
CA GLU A 333 10.77 -9.57 0.63
C GLU A 333 10.50 -8.62 1.77
N CYS A 334 9.96 -9.15 2.85
N CYS A 334 10.07 -9.19 2.91
CA CYS A 334 9.79 -8.38 4.06
CA CYS A 334 9.67 -8.47 4.11
C CYS A 334 10.92 -8.73 5.02
C CYS A 334 10.52 -8.92 5.29
N ALA A 335 10.99 -7.96 6.10
CA ALA A 335 11.94 -8.23 7.18
C ALA A 335 11.27 -7.99 8.53
N PRO A 336 10.72 -9.04 9.16
CA PRO A 336 9.99 -8.82 10.41
C PRO A 336 10.85 -8.31 11.54
N CYS A 337 12.18 -8.36 11.41
CA CYS A 337 13.08 -7.82 12.42
C CYS A 337 13.47 -6.39 12.14
N SER A 338 12.84 -5.74 11.16
CA SER A 338 13.10 -4.35 10.81
C SER A 338 11.75 -3.62 10.89
N ARG A 339 11.47 -3.02 12.05
CA ARG A 339 10.22 -2.31 12.28
C ARG A 339 10.45 -0.80 12.19
N VAL A 340 9.46 -0.10 11.64
CA VAL A 340 9.47 1.36 11.57
C VAL A 340 8.08 1.85 11.89
N TYR A 341 7.96 2.68 12.92
CA TYR A 341 6.68 3.30 13.23
C TYR A 341 6.34 4.36 12.18
N HIS A 342 5.05 4.53 11.93
CA HIS A 342 4.57 5.37 10.84
C HIS A 342 3.20 5.90 11.20
N ILE A 343 3.04 7.22 11.26
CA ILE A 343 1.78 7.82 11.69
C ILE A 343 0.66 7.32 10.78
N PHE A 344 -0.33 6.67 11.37
CA PHE A 344 -1.58 6.33 10.69
C PHE A 344 -2.48 7.56 10.73
N ARG A 345 -2.55 8.28 9.62
CA ARG A 345 -3.25 9.56 9.60
C ARG A 345 -4.76 9.37 9.59
N LYS A 346 -5.45 10.32 10.21
CA LYS A 346 -6.91 10.28 10.32
C LYS A 346 -7.50 11.68 10.17
N PRO A 354 -6.75 15.40 -5.80
CA PRO A 354 -5.54 14.94 -6.49
C PRO A 354 -5.64 15.09 -8.00
N GLY A 355 -6.73 15.69 -8.47
CA GLY A 355 -6.97 15.72 -9.90
C GLY A 355 -7.32 14.32 -10.41
N ASP A 356 -7.17 14.14 -11.71
CA ASP A 356 -7.38 12.85 -12.35
C ASP A 356 -6.15 11.95 -12.27
N SER A 357 -5.19 12.30 -11.41
CA SER A 357 -3.92 11.58 -11.38
C SER A 357 -4.09 10.14 -10.91
N ILE A 358 -4.91 9.94 -9.87
CA ILE A 358 -4.99 8.61 -9.26
C ILE A 358 -5.52 7.58 -10.24
N THR A 359 -6.40 8.00 -11.15
CA THR A 359 -6.92 7.06 -12.14
C THR A 359 -5.88 6.79 -13.23
N ILE A 360 -5.20 7.83 -13.69
CA ILE A 360 -4.12 7.64 -14.66
C ILE A 360 -3.13 6.61 -14.15
N ASN A 361 -2.74 6.73 -12.88
CA ASN A 361 -1.76 5.80 -12.32
C ASN A 361 -2.23 4.35 -12.44
N LYS A 362 -3.49 4.09 -12.08
CA LYS A 362 -4.00 2.73 -12.16
C LYS A 362 -3.93 2.20 -13.59
N MET A 363 -4.31 3.02 -14.57
CA MET A 363 -4.28 2.58 -15.96
C MET A 363 -2.88 2.12 -16.35
N ARG A 364 -1.87 2.93 -16.08
CA ARG A 364 -0.51 2.57 -16.44
C ARG A 364 -0.09 1.26 -15.79
N THR A 365 -0.50 1.05 -14.54
CA THR A 365 -0.18 -0.20 -13.86
C THR A 365 -0.73 -1.40 -14.62
N MET A 366 -1.85 -1.22 -15.32
CA MET A 366 -2.48 -2.35 -15.98
C MET A 366 -1.69 -2.85 -17.18
N LEU A 367 -0.72 -2.06 -17.68
CA LEU A 367 0.15 -2.55 -18.73
C LEU A 367 0.87 -3.81 -18.29
N TRP A 368 1.11 -3.96 -17.00
CA TRP A 368 1.81 -5.12 -16.46
C TRP A 368 0.86 -6.25 -16.10
N MET A 369 -0.44 -6.07 -16.29
CA MET A 369 -1.42 -7.08 -15.90
C MET A 369 -1.92 -7.91 -17.07
N ASP A 370 -1.59 -7.53 -18.30
CA ASP A 370 -1.90 -8.33 -19.50
C ASP A 370 -3.41 -8.53 -19.57
N GLU A 371 -3.90 -9.75 -19.80
CA GLU A 371 -5.33 -9.96 -20.00
C GLU A 371 -6.12 -9.64 -18.73
N TYR A 372 -5.49 -9.73 -17.56
CA TYR A 372 -6.18 -9.43 -16.32
C TYR A 372 -6.58 -7.96 -16.22
N ALA A 373 -5.94 -7.09 -16.99
CA ALA A 373 -6.34 -5.69 -17.03
C ALA A 373 -7.82 -5.53 -17.34
N ASP A 374 -8.38 -6.45 -18.13
CA ASP A 374 -9.80 -6.35 -18.45
C ASP A 374 -10.66 -6.38 -17.20
N LEU A 375 -10.29 -7.20 -16.22
CA LEU A 375 -11.06 -7.27 -14.98
C LEU A 375 -10.84 -6.02 -14.14
N ALA A 376 -9.57 -5.64 -13.93
CA ALA A 376 -9.27 -4.47 -13.12
C ALA A 376 -9.91 -3.23 -13.70
N TRP A 377 -9.91 -3.10 -15.03
CA TRP A 377 -10.51 -1.94 -15.68
C TRP A 377 -11.97 -1.79 -15.28
N ARG A 378 -12.71 -2.89 -15.27
CA ARG A 378 -14.14 -2.82 -14.92
C ARG A 378 -14.34 -2.52 -13.45
N VAL A 379 -13.43 -2.98 -12.59
CA VAL A 379 -13.62 -2.77 -11.15
C VAL A 379 -13.47 -1.30 -10.78
N ILE A 380 -12.65 -0.56 -11.52
CA ILE A 380 -12.45 0.86 -11.24
C ILE A 380 -13.41 1.69 -12.07
N GLY A 381 -14.32 1.01 -12.79
CA GLY A 381 -15.41 1.69 -13.46
C GLY A 381 -15.16 2.06 -14.90
N LYS A 382 -14.51 1.17 -15.65
CA LYS A 382 -14.22 1.37 -17.07
C LYS A 382 -13.81 2.81 -17.33
N PRO A 383 -12.82 3.34 -16.60
CA PRO A 383 -12.45 4.74 -16.77
C PRO A 383 -11.87 5.03 -18.13
N ARG A 384 -12.10 6.26 -18.60
CA ARG A 384 -11.60 6.75 -19.88
C ARG A 384 -10.87 8.06 -19.61
N VAL A 385 -9.57 7.96 -19.40
CA VAL A 385 -8.74 9.12 -19.11
C VAL A 385 -7.61 9.20 -20.12
N ASN A 386 -6.70 10.17 -19.94
CA ASN A 386 -5.48 10.25 -20.73
C ASN A 386 -4.37 9.65 -19.87
N TYR A 387 -4.20 8.33 -19.97
CA TYR A 387 -3.11 7.64 -19.30
C TYR A 387 -1.76 7.88 -19.97
N ARG A 388 -1.64 8.92 -20.80
CA ARG A 388 -0.42 9.24 -21.53
C ARG A 388 0.00 8.02 -22.33
N PRO A 389 -0.76 7.68 -23.38
CA PRO A 389 -0.45 6.44 -24.12
C PRO A 389 0.91 6.44 -24.79
N GLU A 390 1.25 7.52 -25.50
CA GLU A 390 2.51 7.56 -26.23
C GLU A 390 3.69 7.17 -25.32
N SER A 391 3.66 7.62 -24.07
CA SER A 391 4.72 7.25 -23.14
C SER A 391 4.55 5.82 -22.64
N LEU A 392 3.31 5.35 -22.51
CA LEU A 392 3.08 3.99 -22.05
C LEU A 392 3.56 2.96 -23.07
N GLU A 393 3.46 3.29 -24.36
CA GLU A 393 4.00 2.39 -25.38
C GLU A 393 5.50 2.22 -25.19
N LYS A 394 6.22 3.33 -24.97
CA LYS A 394 7.65 3.24 -24.70
C LYS A 394 7.93 2.35 -23.50
N ARG A 395 6.98 2.27 -22.57
CA ARG A 395 7.15 1.36 -21.44
C ARG A 395 6.97 -0.09 -21.88
N ARG A 396 6.06 -0.34 -22.82
CA ARG A 396 5.80 -1.70 -23.25
C ARG A 396 6.96 -2.26 -24.06
N GLU A 397 7.59 -1.44 -24.89
CA GLU A 397 8.78 -1.91 -25.60
C GLU A 397 9.90 -2.22 -24.61
N TRP A 398 10.02 -1.43 -23.54
CA TRP A 398 11.00 -1.73 -22.51
C TRP A 398 10.73 -3.08 -21.87
N ARG A 399 9.47 -3.33 -21.52
CA ARG A 399 9.11 -4.62 -20.94
C ARG A 399 9.46 -5.76 -21.87
N LYS A 400 9.17 -5.60 -23.16
CA LYS A 400 9.50 -6.64 -24.13
C LYS A 400 11.00 -6.78 -24.29
N ARG A 401 11.72 -5.65 -24.40
CA ARG A 401 13.17 -5.72 -24.59
C ARG A 401 13.88 -6.32 -23.39
N LYS A 402 13.33 -6.15 -22.18
CA LYS A 402 13.94 -6.70 -20.98
C LYS A 402 13.66 -8.19 -20.83
N GLY A 403 12.55 -8.68 -21.38
CA GLY A 403 12.18 -10.06 -21.23
C GLY A 403 11.34 -10.38 -20.02
N CYS A 404 10.58 -9.40 -19.52
CA CYS A 404 9.83 -9.61 -18.29
C CYS A 404 8.79 -10.70 -18.48
N LYS A 405 8.59 -11.51 -17.44
CA LYS A 405 7.59 -12.56 -17.47
C LYS A 405 6.19 -11.95 -17.53
N SER A 406 5.21 -12.81 -17.81
CA SER A 406 3.83 -12.37 -17.95
C SER A 406 3.17 -12.23 -16.58
N PHE A 407 2.01 -11.58 -16.58
CA PHE A 407 1.22 -11.50 -15.34
C PHE A 407 0.60 -12.85 -15.01
N ARG A 408 0.33 -13.68 -16.02
CA ARG A 408 -0.13 -15.04 -15.76
C ARG A 408 0.90 -15.79 -14.91
N TRP A 409 2.19 -15.67 -15.27
CA TRP A 409 3.24 -16.24 -14.44
C TRP A 409 3.20 -15.63 -13.05
N PHE A 410 3.04 -14.31 -12.95
CA PHE A 410 3.02 -13.64 -11.66
C PHE A 410 1.96 -14.28 -10.76
N MET A 411 0.76 -14.49 -11.29
CA MET A 411 -0.31 -15.04 -10.47
C MET A 411 -0.04 -16.49 -10.09
N GLU A 412 0.46 -17.29 -11.04
CA GLU A 412 0.68 -18.70 -10.77
C GLU A 412 1.94 -18.98 -9.96
N ASN A 413 2.80 -17.98 -9.76
CA ASN A 413 4.07 -18.23 -9.08
C ASN A 413 4.31 -17.32 -7.90
N VAL A 414 3.89 -16.06 -7.96
CA VAL A 414 4.13 -15.11 -6.88
C VAL A 414 2.90 -14.97 -5.97
N PHE A 415 1.70 -15.02 -6.54
CA PHE A 415 0.47 -14.85 -5.78
C PHE A 415 -0.57 -15.89 -6.16
N PRO A 416 -0.19 -17.17 -6.15
CA PRO A 416 -1.18 -18.22 -6.45
C PRO A 416 -2.22 -18.40 -5.36
N GLU A 417 -2.05 -17.76 -4.20
CA GLU A 417 -3.02 -17.85 -3.12
C GLU A 417 -4.19 -16.89 -3.30
N GLY A 418 -4.20 -16.09 -4.37
CA GLY A 418 -5.30 -15.18 -4.60
C GLY A 418 -6.58 -15.93 -4.93
N ASP A 419 -7.70 -15.20 -4.80
CA ASP A 419 -9.00 -15.77 -5.14
C ASP A 419 -9.25 -15.84 -6.63
N VAL A 420 -8.49 -15.08 -7.43
CA VAL A 420 -8.61 -15.07 -8.88
C VAL A 420 -7.22 -15.31 -9.44
N VAL A 421 -6.90 -16.57 -9.75
CA VAL A 421 -5.59 -16.91 -10.31
C VAL A 421 -5.61 -16.87 -11.82
N THR A 422 -6.72 -17.31 -12.43
CA THR A 422 -6.97 -17.12 -13.85
C THR A 422 -8.38 -16.56 -14.01
N LEU A 423 -8.60 -15.85 -15.12
CA LEU A 423 -9.89 -15.19 -15.33
C LEU A 423 -11.03 -16.18 -15.38
N ASP A 424 -10.76 -17.47 -15.59
CA ASP A 424 -11.80 -18.48 -15.46
C ASP A 424 -12.30 -18.59 -14.03
N ASP A 425 -11.57 -18.04 -13.07
CA ASP A 425 -12.04 -17.97 -11.69
C ASP A 425 -13.05 -16.86 -11.48
N VAL A 426 -13.32 -16.05 -12.50
CA VAL A 426 -14.40 -15.07 -12.47
C VAL A 426 -15.41 -15.48 -13.55
N PRO A 427 -16.18 -16.54 -13.34
CA PRO A 427 -17.03 -17.06 -14.43
C PRO A 427 -18.21 -16.16 -14.78
N TYR A 428 -18.66 -15.31 -13.86
CA TYR A 428 -19.82 -14.46 -14.09
C TYR A 428 -19.48 -13.02 -13.79
N LEU A 429 -19.89 -12.11 -14.67
CA LEU A 429 -19.71 -10.68 -14.44
C LEU A 429 -20.75 -9.96 -15.29
N GLY A 430 -21.81 -9.47 -14.64
CA GLY A 430 -22.90 -8.84 -15.33
C GLY A 430 -24.08 -8.60 -14.43
N PRO A 431 -25.23 -8.24 -15.00
CA PRO A 431 -26.44 -8.08 -14.18
C PRO A 431 -26.95 -9.42 -13.67
N LEU A 432 -27.45 -9.41 -12.43
CA LEU A 432 -28.12 -10.56 -11.83
C LEU A 432 -29.61 -10.29 -11.91
N ARG A 433 -30.24 -10.75 -12.98
CA ARG A 433 -31.63 -10.43 -13.28
C ARG A 433 -32.55 -11.58 -12.90
N ASN A 434 -33.66 -11.23 -12.25
CA ASN A 434 -34.76 -12.16 -12.02
C ASN A 434 -35.81 -11.86 -13.08
N ASP A 435 -36.01 -12.82 -14.00
CA ASP A 435 -36.84 -12.55 -15.16
C ASP A 435 -38.31 -12.38 -14.79
N LYS A 436 -38.75 -13.01 -13.68
CA LYS A 436 -40.17 -13.01 -13.37
C LYS A 436 -40.66 -11.61 -13.01
N ILE A 437 -39.89 -10.87 -12.21
CA ILE A 437 -40.28 -9.51 -11.86
C ILE A 437 -39.62 -8.46 -12.75
N GLY A 438 -38.76 -8.88 -13.68
CA GLY A 438 -38.18 -7.95 -14.62
C GLY A 438 -37.27 -6.91 -14.02
N MET A 439 -36.70 -7.18 -12.84
CA MET A 439 -35.73 -6.30 -12.21
C MET A 439 -34.50 -7.12 -11.86
N CYS A 440 -33.38 -6.42 -11.68
N CYS A 440 -33.38 -6.44 -11.67
CA CYS A 440 -32.12 -7.04 -11.31
CA CYS A 440 -32.15 -7.09 -11.27
C CYS A 440 -31.54 -6.35 -10.07
C CYS A 440 -31.63 -6.46 -9.98
N LEU A 441 -30.51 -6.98 -9.49
CA LEU A 441 -29.95 -6.50 -8.24
C LEU A 441 -29.32 -5.12 -8.43
N ASP A 442 -29.14 -4.43 -7.31
CA ASP A 442 -28.69 -3.04 -7.32
C ASP A 442 -27.94 -2.77 -6.03
N ASN A 443 -26.69 -2.33 -6.13
CA ASN A 443 -25.94 -1.95 -4.94
C ASN A 443 -26.49 -0.68 -4.30
N MET A 444 -27.43 0.01 -4.96
CA MET A 444 -28.10 1.16 -4.37
C MET A 444 -27.13 2.33 -4.18
N GLY A 445 -26.22 2.50 -5.14
CA GLY A 445 -25.17 3.50 -5.00
C GLY A 445 -24.17 3.18 -3.91
N TRP A 446 -24.18 1.97 -3.37
CA TRP A 446 -23.34 1.59 -2.24
C TRP A 446 -22.67 0.25 -2.56
N ALA A 447 -21.56 0.30 -3.29
CA ALA A 447 -20.71 -0.88 -3.39
C ALA A 447 -19.96 -1.13 -2.10
N SER A 448 -19.78 -0.10 -1.28
CA SER A 448 -19.13 -0.27 0.01
C SER A 448 -19.91 -1.26 0.87
N PRO A 449 -19.24 -1.99 1.75
CA PRO A 449 -19.96 -2.94 2.62
C PRO A 449 -20.85 -2.23 3.62
N GLY A 450 -21.82 -2.99 4.13
CA GLY A 450 -22.68 -2.56 5.23
C GLY A 450 -24.09 -2.22 4.84
N HIS A 451 -24.40 -2.07 3.56
CA HIS A 451 -25.68 -1.55 3.11
C HIS A 451 -26.52 -2.64 2.45
N ALA A 452 -27.83 -2.49 2.54
CA ALA A 452 -28.75 -3.46 1.98
C ALA A 452 -28.83 -3.33 0.46
N VAL A 453 -29.02 -4.45 -0.21
CA VAL A 453 -29.11 -4.51 -1.67
C VAL A 453 -30.59 -4.49 -2.06
N GLY A 454 -30.87 -3.81 -3.17
CA GLY A 454 -32.23 -3.63 -3.64
C GLY A 454 -32.52 -4.35 -4.95
N LEU A 455 -33.78 -4.22 -5.37
CA LEU A 455 -34.25 -4.76 -6.63
C LEU A 455 -34.85 -3.62 -7.44
N GLU A 456 -34.29 -3.38 -8.63
CA GLU A 456 -34.61 -2.20 -9.42
C GLU A 456 -34.69 -2.58 -10.89
N TYR A 457 -35.47 -1.80 -11.64
CA TYR A 457 -35.56 -2.03 -13.08
C TYR A 457 -34.18 -1.98 -13.70
N CYS A 458 -33.87 -2.97 -14.53
N CYS A 458 -33.90 -2.96 -14.56
CA CYS A 458 -32.54 -3.04 -15.13
CA CYS A 458 -32.59 -3.02 -15.22
C CYS A 458 -32.28 -1.81 -15.99
C CYS A 458 -32.30 -1.74 -15.98
N HIS A 459 -31.06 -1.26 -15.86
CA HIS A 459 -30.62 -0.12 -16.65
C HIS A 459 -29.21 -0.29 -17.21
N GLY A 460 -28.55 -1.42 -16.97
CA GLY A 460 -27.27 -1.70 -17.59
C GLY A 460 -26.09 -0.96 -17.01
N GLY A 461 -26.25 -0.34 -15.84
CA GLY A 461 -25.17 0.43 -15.24
C GLY A 461 -24.29 -0.41 -14.34
N ASP A 462 -23.19 0.20 -13.88
CA ASP A 462 -22.27 -0.51 -12.99
C ASP A 462 -22.85 -0.70 -11.59
N THR A 463 -23.87 0.08 -11.22
CA THR A 463 -24.55 -0.13 -9.96
C THR A 463 -25.32 -1.45 -9.92
N GLN A 464 -25.51 -2.08 -11.08
CA GLN A 464 -26.30 -3.31 -11.17
C GLN A 464 -25.47 -4.52 -11.62
N THR A 465 -24.16 -4.36 -11.79
N THR A 465 -24.15 -4.38 -11.71
CA THR A 465 -23.32 -5.48 -12.19
CA THR A 465 -23.29 -5.46 -12.19
C THR A 465 -22.70 -6.15 -10.96
C THR A 465 -22.59 -6.13 -11.01
N PHE A 466 -22.49 -7.46 -11.07
CA PHE A 466 -21.93 -8.25 -9.99
C PHE A 466 -21.00 -9.32 -10.56
N MET A 467 -19.97 -9.65 -9.77
CA MET A 467 -19.00 -10.67 -10.13
C MET A 467 -19.24 -11.94 -9.33
N PHE A 468 -18.47 -12.97 -9.67
CA PHE A 468 -18.47 -14.22 -8.92
C PHE A 468 -17.03 -14.71 -8.85
N PHE A 469 -16.53 -14.92 -7.63
CA PHE A 469 -15.24 -15.55 -7.41
C PHE A 469 -15.51 -16.98 -6.95
N ARG A 470 -15.29 -17.94 -7.84
CA ARG A 470 -15.68 -19.32 -7.56
C ARG A 470 -14.81 -19.96 -6.49
N LYS A 471 -13.55 -19.54 -6.37
CA LYS A 471 -12.66 -20.16 -5.40
C LYS A 471 -13.09 -19.89 -3.96
N VAL A 472 -14.08 -19.05 -3.74
CA VAL A 472 -14.48 -18.66 -2.39
C VAL A 472 -15.99 -18.51 -2.30
N GLY A 473 -16.69 -18.67 -3.42
CA GLY A 473 -18.14 -18.55 -3.45
C GLY A 473 -18.67 -17.18 -3.12
N HIS A 474 -18.05 -16.13 -3.65
CA HIS A 474 -18.35 -14.76 -3.27
C HIS A 474 -19.09 -14.04 -4.39
N VAL A 475 -20.13 -13.31 -4.01
CA VAL A 475 -20.93 -12.51 -4.94
C VAL A 475 -20.70 -11.05 -4.56
N MET A 476 -20.05 -10.30 -5.44
CA MET A 476 -19.62 -8.95 -5.12
C MET A 476 -20.03 -7.99 -6.22
N PRO A 477 -20.27 -6.72 -5.88
CA PRO A 477 -20.41 -5.70 -6.93
C PRO A 477 -19.07 -5.43 -7.58
N VAL A 478 -19.10 -5.22 -8.90
CA VAL A 478 -17.84 -5.14 -9.65
C VAL A 478 -16.94 -4.04 -9.11
N ASN A 479 -17.52 -2.98 -8.56
CA ASN A 479 -16.73 -1.84 -8.13
C ASN A 479 -16.12 -2.00 -6.74
N ASP A 480 -16.32 -3.15 -6.08
CA ASP A 480 -15.75 -3.36 -4.76
C ASP A 480 -15.69 -4.87 -4.50
N ASP A 481 -14.50 -5.45 -4.65
CA ASP A 481 -14.31 -6.87 -4.38
C ASP A 481 -14.08 -7.15 -2.90
N GLU A 482 -14.23 -6.16 -2.03
CA GLU A 482 -14.21 -6.39 -0.59
C GLU A 482 -15.62 -6.58 -0.01
N ALA A 483 -16.66 -6.20 -0.76
CA ALA A 483 -18.04 -6.30 -0.30
C ALA A 483 -18.67 -7.56 -0.87
N CYS A 484 -19.21 -8.40 0.00
CA CYS A 484 -19.78 -9.67 -0.39
C CYS A 484 -21.25 -9.75 0.03
N LEU A 485 -22.04 -10.43 -0.80
CA LEU A 485 -23.45 -10.59 -0.53
C LEU A 485 -23.67 -11.65 0.55
N GLN A 486 -24.67 -11.43 1.38
CA GLN A 486 -25.05 -12.35 2.44
C GLN A 486 -26.53 -12.69 2.33
N PRO A 487 -26.95 -13.83 2.88
CA PRO A 487 -28.38 -14.14 2.86
C PRO A 487 -29.24 -13.06 3.46
N SER A 488 -28.68 -12.27 4.39
CA SER A 488 -29.43 -11.19 5.00
C SER A 488 -29.97 -10.20 3.99
N GLY A 489 -29.46 -10.23 2.76
CA GLY A 489 -29.80 -9.23 1.77
C GLY A 489 -28.86 -8.05 1.73
N ARG A 490 -27.90 -7.99 2.63
CA ARG A 490 -26.98 -6.86 2.72
C ARG A 490 -25.62 -7.25 2.15
N LEU A 491 -24.73 -6.26 2.11
CA LEU A 491 -23.33 -6.45 1.78
C LEU A 491 -22.49 -6.33 3.04
N ASP A 492 -21.33 -6.96 3.03
CA ASP A 492 -20.45 -6.94 4.19
C ASP A 492 -19.04 -7.30 3.73
N TRP A 493 -18.07 -7.03 4.59
CA TRP A 493 -16.67 -7.30 4.26
C TRP A 493 -16.49 -8.78 3.95
N CYS A 494 -15.87 -9.06 2.82
CA CYS A 494 -15.70 -10.44 2.37
C CYS A 494 -14.80 -11.21 3.32
N ARG A 495 -15.19 -12.45 3.61
CA ARG A 495 -14.38 -13.37 4.39
C ARG A 495 -14.45 -14.73 3.72
N GLY A 496 -13.30 -15.35 3.47
CA GLY A 496 -13.26 -16.61 2.77
C GLY A 496 -13.74 -17.77 3.62
N THR A 497 -15.02 -17.77 3.98
CA THR A 497 -15.57 -18.73 4.93
C THR A 497 -16.96 -19.13 4.49
N ALA A 498 -17.64 -19.90 5.34
CA ALA A 498 -18.98 -20.39 5.00
C ALA A 498 -20.01 -19.27 5.04
N GLN A 499 -19.81 -18.27 5.90
CA GLN A 499 -20.77 -17.17 6.00
C GLN A 499 -20.80 -16.30 4.75
N PHE A 500 -20.03 -16.62 3.71
CA PHE A 500 -20.08 -15.86 2.47
C PHE A 500 -20.08 -16.75 1.23
N TRP A 501 -20.22 -18.07 1.38
CA TRP A 501 -20.09 -18.99 0.25
C TRP A 501 -21.43 -19.17 -0.44
N TRP A 502 -21.50 -18.75 -1.71
CA TRP A 502 -22.66 -18.95 -2.56
C TRP A 502 -22.35 -19.97 -3.64
N ASP A 503 -23.41 -20.60 -4.16
CA ASP A 503 -23.32 -21.48 -5.31
C ASP A 503 -24.37 -21.05 -6.33
N PHE A 504 -23.95 -20.86 -7.57
CA PHE A 504 -24.86 -20.55 -8.66
C PHE A 504 -25.18 -21.85 -9.38
N THR A 505 -26.41 -22.31 -9.24
CA THR A 505 -26.78 -23.65 -9.68
C THR A 505 -27.03 -23.66 -11.19
N SER A 506 -27.16 -24.88 -11.73
CA SER A 506 -27.37 -25.03 -13.16
C SER A 506 -28.71 -24.44 -13.59
N SER A 507 -29.70 -24.42 -12.72
CA SER A 507 -31.00 -23.86 -13.04
C SER A 507 -31.13 -22.39 -12.65
N GLY A 508 -30.02 -21.74 -12.30
CA GLY A 508 -30.03 -20.32 -12.03
C GLY A 508 -30.34 -19.93 -10.60
N GLN A 509 -30.33 -20.87 -9.68
CA GLN A 509 -30.57 -20.55 -8.27
C GLN A 509 -29.29 -20.00 -7.65
N LEU A 510 -29.45 -19.03 -6.76
CA LEU A 510 -28.35 -18.51 -5.95
C LEU A 510 -28.49 -19.14 -4.57
N MET A 511 -27.75 -20.22 -4.34
CA MET A 511 -27.91 -21.05 -3.16
C MET A 511 -26.80 -20.74 -2.17
N PHE A 512 -27.17 -20.30 -0.98
CA PHE A 512 -26.23 -20.16 0.13
C PHE A 512 -25.86 -21.55 0.62
N ARG A 513 -24.59 -21.93 0.43
CA ARG A 513 -24.20 -23.31 0.65
C ARG A 513 -24.44 -23.76 2.09
N GLU A 514 -24.27 -22.87 3.06
CA GLU A 514 -24.38 -23.27 4.46
C GLU A 514 -25.79 -23.76 4.79
N THR A 515 -26.80 -22.96 4.45
CA THR A 515 -28.17 -23.26 4.81
C THR A 515 -28.94 -24.00 3.72
N LYS A 516 -28.31 -24.26 2.58
CA LYS A 516 -28.97 -24.94 1.46
C LYS A 516 -30.31 -24.28 1.13
N GLN A 517 -30.35 -22.96 1.26
CA GLN A 517 -31.50 -22.16 0.87
C GLN A 517 -31.12 -21.27 -0.31
N CYS A 518 -32.13 -20.92 -1.11
CA CYS A 518 -31.93 -20.10 -2.29
C CYS A 518 -32.63 -18.75 -2.11
N LEU A 519 -32.04 -17.71 -2.68
CA LEU A 519 -32.57 -16.36 -2.52
C LEU A 519 -33.63 -16.08 -3.58
N SER A 520 -34.64 -15.31 -3.18
CA SER A 520 -35.81 -15.03 -3.99
C SER A 520 -36.02 -13.53 -4.10
N ALA A 521 -36.56 -13.10 -5.23
CA ALA A 521 -36.94 -11.71 -5.45
C ALA A 521 -38.41 -11.46 -5.18
N PHE A 522 -39.12 -12.45 -4.64
CA PHE A 522 -40.55 -12.34 -4.40
C PHE A 522 -40.86 -11.09 -3.57
N GLY A 523 -41.79 -10.28 -4.08
CA GLY A 523 -42.22 -9.09 -3.37
C GLY A 523 -41.29 -7.91 -3.48
N ARG A 524 -40.45 -7.85 -4.51
CA ARG A 524 -39.44 -6.81 -4.62
C ARG A 524 -38.56 -6.77 -3.37
N LYS A 525 -38.41 -7.92 -2.72
CA LYS A 525 -37.68 -8.06 -1.47
C LYS A 525 -36.83 -9.32 -1.55
N LEU A 526 -35.63 -9.25 -0.98
CA LEU A 526 -34.68 -10.35 -1.03
C LEU A 526 -34.83 -11.18 0.25
N ARG A 527 -35.40 -12.38 0.12
CA ARG A 527 -35.55 -13.30 1.23
C ARG A 527 -35.05 -14.68 0.82
N MET A 528 -34.58 -15.44 1.81
CA MET A 528 -34.13 -16.80 1.57
C MET A 528 -35.30 -17.76 1.71
N VAL A 529 -35.44 -18.66 0.73
CA VAL A 529 -36.54 -19.62 0.69
C VAL A 529 -35.97 -21.01 0.44
N GLU A 530 -36.86 -22.00 0.38
CA GLU A 530 -36.44 -23.35 0.03
C GLU A 530 -36.23 -23.44 -1.48
N CYS A 531 -35.20 -24.17 -1.87
CA CYS A 531 -34.81 -24.23 -3.27
C CYS A 531 -35.77 -25.11 -4.06
N ASP A 532 -36.32 -24.56 -5.15
CA ASP A 532 -37.28 -25.25 -5.99
C ASP A 532 -37.19 -24.64 -7.38
N ASP A 533 -36.58 -25.35 -8.32
CA ASP A 533 -36.39 -24.81 -9.66
C ASP A 533 -37.70 -24.46 -10.35
N THR A 534 -38.85 -24.80 -9.76
CA THR A 534 -40.12 -24.41 -10.35
C THR A 534 -40.53 -23.00 -9.96
N ASP A 535 -40.08 -22.53 -8.80
CA ASP A 535 -40.38 -21.17 -8.35
C ASP A 535 -39.65 -20.16 -9.23
N PRO A 536 -40.35 -19.41 -10.09
CA PRO A 536 -39.64 -18.50 -10.99
C PRO A 536 -39.00 -17.31 -10.28
N TYR A 537 -39.39 -17.02 -9.04
CA TYR A 537 -38.83 -15.90 -8.31
C TYR A 537 -37.42 -16.16 -7.79
N GLN A 538 -36.96 -17.41 -7.82
CA GLN A 538 -35.63 -17.77 -7.33
C GLN A 538 -34.68 -18.18 -8.45
N ILE A 539 -35.09 -18.01 -9.70
CA ILE A 539 -34.24 -18.30 -10.85
C ILE A 539 -33.69 -16.99 -11.38
N TRP A 540 -32.37 -16.92 -11.53
CA TRP A 540 -31.69 -15.70 -11.94
C TRP A 540 -30.87 -15.94 -13.19
N SER A 541 -30.50 -14.85 -13.84
CA SER A 541 -29.61 -14.87 -14.99
C SER A 541 -28.35 -14.09 -14.63
N TRP A 542 -27.20 -14.61 -15.02
CA TRP A 542 -25.92 -13.98 -14.73
C TRP A 542 -25.04 -14.08 -15.96
N THR A 543 -24.68 -12.94 -16.53
CA THR A 543 -23.83 -12.92 -17.72
C THR A 543 -22.52 -13.62 -17.45
N ALA A 544 -22.03 -14.36 -18.45
CA ALA A 544 -20.77 -15.08 -18.33
C ALA A 544 -19.61 -14.16 -18.68
N TYR A 545 -18.56 -14.19 -17.87
CA TYR A 545 -17.38 -13.37 -18.09
C TYR A 545 -16.41 -14.19 -18.94
N ASN A 546 -16.37 -13.88 -20.24
CA ASN A 546 -15.46 -14.52 -21.19
C ASN A 546 -14.59 -13.43 -21.82
N PRO A 547 -13.63 -12.92 -21.05
CA PRO A 547 -12.84 -11.77 -21.52
C PRO A 547 -11.91 -12.16 -22.65
N PRO A 548 -11.43 -11.19 -23.42
CA PRO A 548 -10.46 -11.49 -24.48
C PRO A 548 -9.13 -11.94 -23.91
N ASP A 549 -8.36 -12.61 -24.77
CA ASP A 549 -7.03 -13.06 -24.38
C ASP A 549 -6.02 -11.92 -24.29
N THR A 550 -6.37 -10.73 -24.78
CA THR A 550 -5.49 -9.58 -24.74
C THR A 550 -6.33 -8.35 -24.41
N PHE A 551 -5.80 -7.49 -23.54
CA PHE A 551 -6.48 -6.27 -23.15
C PHE A 551 -6.08 -5.14 -24.10
N THR A 552 -7.08 -4.52 -24.71
CA THR A 552 -6.88 -3.38 -25.59
C THR A 552 -7.22 -2.11 -24.82
N PHE A 553 -6.22 -1.27 -24.58
CA PHE A 553 -6.44 -0.08 -23.76
C PHE A 553 -7.50 0.81 -24.39
N PRO A 554 -8.22 1.58 -23.58
CA PRO A 554 -9.25 2.47 -24.14
C PRO A 554 -8.63 3.68 -24.83
N SER A 555 -9.27 4.12 -25.90
CA SER A 555 -8.78 5.26 -26.65
C SER A 555 -8.93 6.54 -25.82
N VAL A 556 -8.09 7.53 -26.14
CA VAL A 556 -8.15 8.83 -25.47
C VAL A 556 -8.59 9.88 -26.48
C1 GOL B . -9.91 -10.88 -2.02
O1 GOL B . -9.17 -11.01 -0.84
C2 GOL B . -11.39 -11.13 -1.65
O2 GOL B . -11.92 -10.10 -0.89
C3 GOL B . -12.11 -11.29 -3.01
O3 GOL B . -13.44 -11.69 -2.72
H11 GOL B . -9.64 -11.51 -2.70
H12 GOL B . -9.82 -10.00 -2.41
H2 GOL B . -11.48 -11.94 -1.12
HO2 GOL B . -12.77 -10.17 -0.91
H31 GOL B . -11.63 -11.93 -3.55
H32 GOL B . -12.06 -10.45 -3.49
HO3 GOL B . -13.87 -11.66 -3.45
C1 GOL C . 3.98 3.67 24.39
O1 GOL C . 3.06 3.79 23.35
C2 GOL C . 5.14 4.65 24.08
O2 GOL C . 4.69 5.94 23.93
C3 GOL C . 6.12 4.50 25.27
O3 GOL C . 7.21 5.35 24.99
H11 GOL C . 4.34 2.76 24.47
H12 GOL C . 3.60 3.88 25.26
H2 GOL C . 5.57 4.41 23.24
HO2 GOL C . 5.36 6.43 23.81
H31 GOL C . 6.38 3.57 25.36
H32 GOL C . 5.66 4.72 26.09
HO3 GOL C . 7.82 5.14 25.55
C1 GOL D . -3.49 -3.37 3.15
O1 GOL D . -4.43 -4.08 3.91
C2 GOL D . -2.63 -2.55 4.14
O2 GOL D . -2.18 -3.33 5.19
C3 GOL D . -1.48 -1.96 3.30
O3 GOL D . -1.98 -0.82 2.65
H11 GOL D . -3.91 -2.77 2.52
H12 GOL D . -2.91 -3.94 2.63
HO1 GOL D . -3.98 -4.60 4.41
H2 GOL D . -3.17 -1.84 4.55
HO2 GOL D . -1.55 -2.92 5.57
H31 GOL D . -1.15 -2.64 2.68
H32 GOL D . -0.73 -1.77 3.88
HO3 GOL D . -1.32 -0.45 2.26
C1 GOL E . -11.81 -14.94 8.41
O1 GOL E . -11.50 -13.68 8.94
C2 GOL E . -10.75 -15.24 7.31
O2 GOL E . -10.77 -16.58 6.93
C3 GOL E . -11.10 -14.27 6.14
O3 GOL E . -10.39 -14.72 5.01
H11 GOL E . -12.70 -14.96 8.01
H12 GOL E . -11.79 -15.64 9.07
HO1 GOL E . -12.08 -13.51 9.53
H2 GOL E . -9.85 -15.07 7.64
HO2 GOL E . -10.50 -16.63 6.13
H31 GOL E . -10.88 -13.37 6.40
H32 GOL E . -12.07 -14.28 6.01
HO3 GOL E . -10.51 -14.14 4.40
C1 GOL F . 9.19 -17.70 -6.28
O1 GOL F . 9.29 -16.95 -7.46
C2 GOL F . 8.48 -16.81 -5.21
O2 GOL F . 7.21 -16.44 -5.60
C3 GOL F . 8.47 -17.67 -3.91
O3 GOL F . 7.46 -17.15 -3.09
H11 GOL F . 10.06 -17.98 -5.93
H12 GOL F . 8.68 -18.51 -6.40
HO1 GOL F . 8.51 -16.66 -7.63
H2 GOL F . 8.98 -15.99 -5.07
HO2 GOL F . 6.90 -15.92 -5.00
H31 GOL F . 9.35 -17.64 -3.51
H32 GOL F . 8.32 -18.60 -4.16
C1 GOL G . -10.42 -4.87 -23.79
O1 GOL G . -10.03 -5.68 -24.86
C2 GOL G . -11.03 -3.58 -24.40
O2 GOL G . -12.33 -3.78 -24.85
C3 GOL G . -10.96 -2.52 -23.29
O3 GOL G . -11.24 -1.29 -23.88
H11 GOL G . -9.69 -4.64 -23.21
H12 GOL G . -11.09 -5.30 -23.22
HO1 GOL G . -9.58 -6.32 -24.53
H2 GOL G . -10.51 -3.31 -25.18
HO2 GOL G . -12.65 -3.01 -25.02
H31 GOL G . -10.08 -2.56 -22.87
H32 GOL G . -11.59 -2.76 -22.59
HO3 GOL G . -10.54 -1.06 -24.31
C1 PEG H . -30.18 -27.19 -7.14
O1 PEG H . -29.53 -28.34 -7.64
C2 PEG H . -31.55 -27.51 -6.62
O2 PEG H . -32.46 -27.60 -7.71
C3 PEG H . -33.59 -28.42 -7.42
C4 PEG H . -34.47 -27.74 -6.41
O4 PEG H . -35.72 -28.42 -6.29
H11 PEG H . -30.26 -26.53 -7.87
H12 PEG H . -29.65 -26.80 -6.43
HO1 PEG H . -29.35 -28.91 -7.03
H21 PEG H . -31.84 -26.80 -6.02
H22 PEG H . -31.52 -28.35 -6.14
H31 PEG H . -33.29 -29.27 -7.06
H32 PEG H . -34.09 -28.58 -8.24
H41 PEG H . -34.03 -27.74 -5.56
H42 PEG H . -34.63 -26.83 -6.70
HO4 PEG H . -36.21 -28.37 -6.98
C1 GOL I . -11.66 -20.44 1.95
O1 GOL I . -13.01 -20.30 1.58
C2 GOL I . -11.11 -21.67 1.18
O2 GOL I . -12.04 -22.68 1.08
C3 GOL I . -10.68 -21.13 -0.20
O3 GOL I . -10.11 -22.21 -0.88
C1 PEG J . 17.56 2.35 22.03
O1 PEG J . 17.69 0.95 21.87
C2 PEG J . 16.14 2.77 22.28
O2 PEG J . 16.08 4.19 22.32
C3 PEG J . 15.01 4.75 21.56
C4 PEG J . 15.46 6.06 20.99
O4 PEG J . 16.11 6.86 21.96
H11 PEG J . 17.88 2.79 21.23
H12 PEG J . 18.11 2.63 22.79
HO1 PEG J . 18.49 0.69 21.72
H21 PEG J . 15.58 2.43 21.57
H22 PEG J . 15.84 2.41 23.13
H31 PEG J . 14.78 4.14 20.84
H32 PEG J . 14.24 4.89 22.13
H41 PEG J . 14.67 6.54 20.66
H42 PEG J . 16.06 5.90 20.25
HO4 PEG J . 16.25 7.65 21.72
#